data_6NCM
#
_entry.id   6NCM
#
_cell.length_a   42.540
_cell.length_b   72.310
_cell.length_c   102.630
_cell.angle_alpha   90.00
_cell.angle_beta   90.00
_cell.angle_gamma   90.00
#
_symmetry.space_group_name_H-M   'P 21 21 21'
#
loop_
_entity.id
_entity.type
_entity.pdbx_description
1 polymer 'Forkhead box protein N3'
2 polymer "DNA (5'-D(*AP*TP*AP*GP*CP*GP*TP*CP*TP*TP*AP*GP*CP*AP*TP*G)-3')"
3 polymer "DNA (5'-D(*TP*CP*AP*TP*GP*CP*TP*AP*AP*GP*AP*CP*GP*CP*TP*A)-3')"
4 non-polymer 'MAGNESIUM ION'
5 water water
#
loop_
_entity_poly.entity_id
_entity_poly.type
_entity_poly.pdbx_seq_one_letter_code
_entity_poly.pdbx_strand_id
1 'polypeptide(L)'
;GNCKPPYSFSCLIFMAIEDSPTKRLPVKDIYNWILEHFPYFANAPTGWKNSVRHNLSLNKCFKKVDKERSQSIGKGSLWC
IDPEYRQNLIQALKKTPYHP
;
A,B
2 'polydeoxyribonucleotide' (DA)(DT)(DA)(DG)(DC)(DG)(DT)(DC)(DT)(DT)(DA)(DG)(DC)(DA)(DT)(DG) C
3 'polydeoxyribonucleotide' (DT)(DC)(DA)(DT)(DG)(DC)(DT)(DA)(DA)(DG)(DA)(DC)(DG)(DC)(DT)(DA) D
#
loop_
_chem_comp.id
_chem_comp.type
_chem_comp.name
_chem_comp.formula
DA DNA linking 2'-DEOXYADENOSINE-5'-MONOPHOSPHATE 'C10 H14 N5 O6 P'
DC DNA linking 2'-DEOXYCYTIDINE-5'-MONOPHOSPHATE 'C9 H14 N3 O7 P'
DG DNA linking 2'-DEOXYGUANOSINE-5'-MONOPHOSPHATE 'C10 H14 N5 O7 P'
DT DNA linking THYMIDINE-5'-MONOPHOSPHATE 'C10 H15 N2 O8 P'
MG non-polymer 'MAGNESIUM ION' 'Mg 2'
#
# COMPACT_ATOMS: atom_id res chain seq x y z
N CYS A 3 -3.83 -14.97 -10.86
CA CYS A 3 -2.91 -13.84 -10.89
C CYS A 3 -3.65 -12.53 -11.08
N LYS A 4 -2.99 -11.56 -11.70
CA LYS A 4 -3.63 -10.25 -11.89
C LYS A 4 -4.48 -10.24 -13.16
N PRO A 5 -5.64 -9.58 -13.12
CA PRO A 5 -6.44 -9.43 -14.33
C PRO A 5 -5.65 -8.72 -15.42
N PRO A 6 -6.01 -8.93 -16.69
CA PRO A 6 -5.15 -8.46 -17.79
C PRO A 6 -5.24 -6.97 -18.07
N TYR A 7 -5.83 -6.20 -17.17
CA TYR A 7 -5.98 -4.77 -17.36
C TYR A 7 -5.05 -4.01 -16.42
N SER A 8 -4.34 -3.03 -16.96
CA SER A 8 -3.44 -2.22 -16.15
C SER A 8 -4.24 -1.30 -15.22
N PHE A 9 -3.55 -0.81 -14.19
CA PHE A 9 -4.22 0.06 -13.22
C PHE A 9 -4.71 1.35 -13.88
N SER A 10 -3.97 1.86 -14.86
CA SER A 10 -4.42 3.04 -15.58
C SER A 10 -5.69 2.75 -16.37
N CYS A 11 -5.78 1.55 -16.96
CA CYS A 11 -6.98 1.18 -17.69
C CYS A 11 -8.15 0.93 -16.75
N LEU A 12 -7.89 0.34 -15.58
CA LEU A 12 -8.95 0.12 -14.60
C LEU A 12 -9.52 1.44 -14.10
N ILE A 13 -8.66 2.43 -13.87
CA ILE A 13 -9.13 3.73 -13.42
C ILE A 13 -9.89 4.43 -14.54
N PHE A 14 -9.42 4.32 -15.77
CA PHE A 14 -10.07 4.99 -16.89
C PHE A 14 -11.46 4.42 -17.14
N MET A 15 -11.61 3.10 -17.08
CA MET A 15 -12.92 2.49 -17.31
C MET A 15 -13.90 2.82 -16.18
N ALA A 16 -13.39 3.06 -14.97
CA ALA A 16 -14.26 3.37 -13.85
C ALA A 16 -14.78 4.81 -13.92
N ILE A 17 -13.91 5.75 -14.33
CA ILE A 17 -14.33 7.15 -14.39
C ILE A 17 -15.29 7.38 -15.55
N GLU A 18 -14.97 6.82 -16.73
CA GLU A 18 -15.82 7.00 -17.90
C GLU A 18 -17.19 6.36 -17.71
N ASP A 19 -17.29 5.32 -16.89
CA ASP A 19 -18.56 4.64 -16.63
C ASP A 19 -19.44 5.40 -15.66
N SER A 20 -18.95 6.52 -15.08
CA SER A 20 -19.74 7.34 -14.16
C SER A 20 -20.51 8.41 -14.94
N PRO A 21 -21.65 8.85 -14.41
CA PRO A 21 -22.43 9.87 -15.15
C PRO A 21 -21.77 11.23 -15.19
N THR A 22 -21.00 11.60 -14.16
CA THR A 22 -20.39 12.92 -14.09
C THR A 22 -18.94 12.92 -14.56
N LYS A 23 -18.40 11.78 -14.99
CA LYS A 23 -17.01 11.63 -15.43
C LYS A 23 -16.02 12.06 -14.36
N ARG A 24 -16.43 12.01 -13.08
CA ARG A 24 -15.60 12.37 -11.96
C ARG A 24 -15.92 11.44 -10.79
N LEU A 25 -14.90 10.99 -10.09
CA LEU A 25 -15.09 10.02 -9.02
C LEU A 25 -14.08 10.28 -7.90
N PRO A 26 -14.46 10.02 -6.66
CA PRO A 26 -13.47 9.95 -5.58
C PRO A 26 -12.78 8.60 -5.59
N VAL A 27 -11.69 8.51 -4.81
CA VAL A 27 -10.88 7.30 -4.85
C VAL A 27 -11.63 6.12 -4.25
N LYS A 28 -12.56 6.36 -3.33
CA LYS A 28 -13.31 5.25 -2.74
C LYS A 28 -14.29 4.65 -3.74
N ASP A 29 -14.90 5.49 -4.58
CA ASP A 29 -15.80 4.98 -5.61
C ASP A 29 -15.03 4.22 -6.69
N ILE A 30 -13.78 4.60 -6.95
CA ILE A 30 -12.95 3.85 -7.90
C ILE A 30 -12.70 2.45 -7.37
N TYR A 31 -12.53 2.32 -6.04
CA TYR A 31 -12.42 0.99 -5.44
C TYR A 31 -13.68 0.17 -5.70
N ASN A 32 -14.86 0.80 -5.53
CA ASN A 32 -16.11 0.06 -5.63
C ASN A 32 -16.41 -0.37 -7.06
N TRP A 33 -16.01 0.44 -8.06
CA TRP A 33 -16.23 0.03 -9.44
C TRP A 33 -15.35 -1.15 -9.82
N ILE A 34 -14.08 -1.13 -9.38
CA ILE A 34 -13.16 -2.20 -9.73
C ILE A 34 -13.54 -3.49 -9.02
N LEU A 35 -14.03 -3.40 -7.78
CA LEU A 35 -14.41 -4.60 -7.03
C LEU A 35 -15.61 -5.28 -7.67
N GLU A 36 -16.61 -4.51 -8.10
CA GLU A 36 -17.82 -5.11 -8.65
C GLU A 36 -17.63 -5.60 -10.08
N HIS A 37 -16.74 -4.98 -10.85
CA HIS A 37 -16.44 -5.43 -12.20
C HIS A 37 -15.33 -6.47 -12.25
N PHE A 38 -14.52 -6.58 -11.20
CA PHE A 38 -13.43 -7.55 -11.13
C PHE A 38 -13.38 -8.13 -9.72
N PRO A 39 -13.97 -9.31 -9.50
CA PRO A 39 -14.04 -9.86 -8.14
C PRO A 39 -12.71 -10.34 -7.59
N TYR A 40 -11.64 -10.33 -8.39
CA TYR A 40 -10.35 -10.81 -7.90
C TYR A 40 -9.82 -9.93 -6.77
N PHE A 41 -10.09 -8.63 -6.81
CA PHE A 41 -9.55 -7.71 -5.82
C PHE A 41 -10.29 -7.77 -4.49
N ALA A 42 -11.38 -8.55 -4.39
CA ALA A 42 -12.09 -8.66 -3.13
C ALA A 42 -11.27 -9.42 -2.09
N ASN A 43 -10.48 -10.40 -2.52
CA ASN A 43 -9.61 -11.16 -1.62
C ASN A 43 -8.14 -11.04 -1.99
N ALA A 44 -7.79 -10.02 -2.78
CA ALA A 44 -6.41 -9.80 -3.17
C ALA A 44 -5.64 -9.13 -2.03
N PRO A 45 -4.31 -9.18 -2.07
CA PRO A 45 -3.51 -8.44 -1.09
C PRO A 45 -3.88 -6.96 -1.09
N THR A 46 -3.91 -6.37 0.10
CA THR A 46 -4.43 -5.03 0.29
C THR A 46 -3.62 -3.95 -0.43
N GLY A 47 -2.46 -4.28 -0.97
CA GLY A 47 -1.63 -3.29 -1.63
C GLY A 47 -2.19 -2.75 -2.93
N TRP A 48 -3.26 -3.35 -3.46
CA TRP A 48 -3.78 -2.91 -4.75
C TRP A 48 -4.41 -1.52 -4.66
N LYS A 49 -5.04 -1.19 -3.53
CA LYS A 49 -5.57 0.15 -3.36
C LYS A 49 -4.45 1.18 -3.33
N ASN A 50 -3.29 0.81 -2.80
CA ASN A 50 -2.15 1.72 -2.80
C ASN A 50 -1.67 2.01 -4.22
N SER A 51 -1.64 0.99 -5.08
CA SER A 51 -1.21 1.18 -6.45
C SER A 51 -2.22 2.02 -7.23
N VAL A 52 -3.49 1.98 -6.84
CA VAL A 52 -4.50 2.80 -7.50
C VAL A 52 -4.25 4.28 -7.21
N ARG A 53 -4.04 4.62 -5.93
CA ARG A 53 -3.76 6.00 -5.57
C ARG A 53 -2.41 6.46 -6.11
N HIS A 54 -1.44 5.55 -6.20
CA HIS A 54 -0.14 5.91 -6.76
C HIS A 54 -0.25 6.27 -8.24
N ASN A 55 -1.11 5.57 -8.97
CA ASN A 55 -1.27 5.85 -10.40
C ASN A 55 -2.00 7.18 -10.63
N LEU A 56 -2.92 7.54 -9.73
CA LEU A 56 -3.66 8.80 -9.87
C LEU A 56 -2.74 10.01 -9.71
N SER A 57 -1.86 9.96 -8.71
CA SER A 57 -0.97 11.10 -8.45
C SER A 57 0.16 11.19 -9.45
N LEU A 58 0.61 10.05 -9.99
CA LEU A 58 1.77 10.05 -10.87
C LEU A 58 1.39 10.41 -12.31
N ASN A 59 0.36 9.77 -12.84
CA ASN A 59 -0.02 9.98 -14.24
C ASN A 59 -0.59 11.39 -14.44
N LYS A 60 -0.10 12.07 -15.47
CA LYS A 60 -0.60 13.40 -15.81
C LYS A 60 -2.01 13.36 -16.38
N CYS A 61 -2.45 12.20 -16.88
CA CYS A 61 -3.77 12.07 -17.48
C CYS A 61 -4.90 12.02 -16.45
N PHE A 62 -4.58 12.01 -15.16
CA PHE A 62 -5.59 12.01 -14.10
C PHE A 62 -5.45 13.31 -13.32
N LYS A 63 -6.44 14.18 -13.46
CA LYS A 63 -6.43 15.50 -12.83
C LYS A 63 -7.27 15.49 -11.56
N LYS A 64 -6.82 16.22 -10.56
CA LYS A 64 -7.54 16.35 -9.30
C LYS A 64 -8.51 17.53 -9.38
N VAL A 65 -9.78 17.27 -9.08
CA VAL A 65 -10.79 18.32 -9.07
C VAL A 65 -11.51 18.31 -7.73
N ASP A 66 -12.02 19.47 -7.35
CA ASP A 66 -12.66 19.66 -6.06
C ASP A 66 -14.14 19.26 -6.12
N LYS A 67 -14.75 19.16 -4.94
CA LYS A 67 -16.16 18.83 -4.83
C LYS A 67 -17.02 20.09 -5.01
N LYS A 75 -12.77 12.94 4.12
CA LYS A 75 -13.22 13.68 2.96
C LYS A 75 -12.05 13.94 2.01
N GLY A 76 -12.00 13.21 0.90
CA GLY A 76 -10.93 13.36 -0.05
C GLY A 76 -11.22 14.37 -1.14
N SER A 77 -11.09 13.94 -2.40
CA SER A 77 -11.32 14.82 -3.53
C SER A 77 -11.70 13.97 -4.75
N LEU A 78 -12.29 14.63 -5.73
CA LEU A 78 -12.70 13.95 -6.95
C LEU A 78 -11.52 13.83 -7.91
N TRP A 79 -11.56 12.79 -8.74
CA TRP A 79 -10.55 12.55 -9.75
C TRP A 79 -11.23 12.43 -11.12
N CYS A 80 -10.64 13.08 -12.12
CA CYS A 80 -11.18 13.06 -13.47
C CYS A 80 -10.03 12.81 -14.45
N ILE A 81 -10.35 12.87 -15.74
CA ILE A 81 -9.40 12.65 -16.82
C ILE A 81 -9.10 13.99 -17.48
N ASP A 82 -7.83 14.35 -17.54
CA ASP A 82 -7.43 15.59 -18.17
C ASP A 82 -7.79 15.53 -19.66
N PRO A 83 -8.53 16.51 -20.18
CA PRO A 83 -8.99 16.40 -21.58
C PRO A 83 -7.86 16.38 -22.60
N GLU A 84 -6.82 17.19 -22.42
CA GLU A 84 -5.75 17.23 -23.40
C GLU A 84 -4.84 16.01 -23.34
N TYR A 85 -4.94 15.20 -22.29
CA TYR A 85 -4.21 13.94 -22.21
C TYR A 85 -5.13 12.73 -22.39
N ARG A 86 -6.36 12.95 -22.84
CA ARG A 86 -7.34 11.87 -22.89
C ARG A 86 -7.15 10.99 -24.13
N GLN A 87 -7.15 11.60 -25.32
CA GLN A 87 -7.02 10.80 -26.53
C GLN A 87 -5.61 10.26 -26.72
N ASN A 88 -4.62 10.82 -26.03
CA ASN A 88 -3.33 10.15 -25.93
C ASN A 88 -3.45 8.87 -25.11
N LEU A 89 -4.25 8.91 -24.04
CA LEU A 89 -4.50 7.72 -23.24
C LEU A 89 -5.36 6.72 -23.99
N ILE A 90 -6.29 7.20 -24.83
CA ILE A 90 -7.13 6.30 -25.62
C ILE A 90 -6.27 5.47 -26.57
N GLN A 91 -5.44 6.16 -27.36
CA GLN A 91 -4.61 5.46 -28.34
C GLN A 91 -3.62 4.51 -27.67
N ALA A 92 -3.17 4.86 -26.45
CA ALA A 92 -2.31 3.93 -25.71
C ALA A 92 -3.10 2.71 -25.23
N LEU A 93 -4.40 2.88 -24.99
CA LEU A 93 -5.24 1.77 -24.56
C LEU A 93 -5.82 0.97 -25.72
N LYS A 94 -5.93 1.58 -26.91
CA LYS A 94 -6.34 0.81 -28.08
C LYS A 94 -5.16 0.12 -28.75
N LYS A 95 -3.94 0.60 -28.50
CA LYS A 95 -2.75 -0.07 -29.00
C LYS A 95 -2.42 -1.30 -28.15
N THR A 96 -2.44 -1.15 -26.83
CA THR A 96 -2.16 -2.25 -25.90
C THR A 96 -3.34 -2.36 -24.93
N PRO A 97 -4.43 -3.01 -25.36
CA PRO A 97 -5.62 -3.10 -24.49
C PRO A 97 -5.48 -4.07 -23.33
N TYR A 98 -4.51 -4.97 -23.37
CA TYR A 98 -4.36 -5.98 -22.32
C TYR A 98 -2.93 -5.97 -21.82
N HIS A 99 -2.75 -5.81 -20.51
CA HIS A 99 -1.43 -5.83 -19.87
C HIS A 99 -1.56 -6.53 -18.52
N PRO A 100 -1.24 -7.83 -18.45
CA PRO A 100 -1.26 -8.57 -17.18
C PRO A 100 -0.16 -8.12 -16.21
N ASN D 2 24.92 5.44 15.25
CA ASN D 2 23.73 6.11 14.72
C ASN D 2 23.70 6.05 13.20
N CYS D 3 23.70 4.84 12.66
CA CYS D 3 23.61 4.66 11.22
C CYS D 3 22.19 4.89 10.75
N LYS D 4 22.00 4.92 9.43
CA LYS D 4 20.68 4.95 8.84
C LYS D 4 20.27 3.53 8.46
N PRO D 5 19.17 3.01 8.99
CA PRO D 5 18.78 1.64 8.66
C PRO D 5 18.24 1.56 7.24
N PRO D 6 18.87 0.77 6.37
CA PRO D 6 18.35 0.60 5.01
C PRO D 6 17.06 -0.20 4.95
N TYR D 7 16.58 -0.74 6.07
CA TYR D 7 15.39 -1.57 6.09
C TYR D 7 14.14 -0.70 6.26
N SER D 8 13.04 -1.19 5.71
CA SER D 8 11.75 -0.56 5.95
C SER D 8 11.29 -0.84 7.38
N PHE D 9 10.21 -0.17 7.79
CA PHE D 9 9.62 -0.45 9.09
C PHE D 9 9.04 -1.87 9.15
N SER D 10 8.79 -2.49 8.01
CA SER D 10 8.33 -3.87 7.99
C SER D 10 9.43 -4.82 8.47
N CYS D 11 10.69 -4.53 8.11
CA CYS D 11 11.80 -5.37 8.54
C CYS D 11 12.23 -5.06 9.97
N LEU D 12 12.07 -3.82 10.42
CA LEU D 12 12.40 -3.48 11.81
C LEU D 12 11.45 -4.16 12.78
N ILE D 13 10.14 -4.15 12.47
CA ILE D 13 9.19 -4.86 13.29
C ILE D 13 9.43 -6.36 13.22
N PHE D 14 9.82 -6.86 12.04
CA PHE D 14 10.05 -8.29 11.87
C PHE D 14 11.21 -8.78 12.72
N MET D 15 12.29 -8.00 12.79
CA MET D 15 13.45 -8.40 13.57
C MET D 15 13.18 -8.28 15.07
N ALA D 16 12.37 -7.29 15.47
CA ALA D 16 12.06 -7.15 16.89
C ALA D 16 11.24 -8.32 17.40
N ILE D 17 10.25 -8.77 16.63
CA ILE D 17 9.41 -9.88 17.06
C ILE D 17 10.19 -11.19 17.04
N GLU D 18 11.05 -11.37 16.03
CA GLU D 18 11.86 -12.58 15.95
C GLU D 18 12.89 -12.67 17.06
N ASP D 19 13.28 -11.55 17.67
CA ASP D 19 14.21 -11.53 18.77
C ASP D 19 13.55 -11.72 20.12
N SER D 20 12.21 -11.77 20.18
CA SER D 20 11.49 -11.94 21.42
C SER D 20 11.49 -13.41 21.83
N PRO D 21 11.36 -13.69 23.14
CA PRO D 21 11.33 -15.11 23.56
C PRO D 21 10.10 -15.84 23.07
N THR D 22 8.94 -15.17 23.05
CA THR D 22 7.68 -15.78 22.71
C THR D 22 7.29 -15.58 21.24
N LYS D 23 8.20 -15.03 20.43
CA LYS D 23 7.91 -14.70 19.04
C LYS D 23 6.70 -13.78 18.90
N ARG D 24 6.50 -12.90 19.88
CA ARG D 24 5.38 -11.97 19.88
C ARG D 24 5.71 -10.82 20.83
N LEU D 25 5.24 -9.63 20.47
CA LEU D 25 5.53 -8.42 21.24
C LEU D 25 4.37 -7.45 21.11
N PRO D 26 4.08 -6.68 22.16
CA PRO D 26 3.18 -5.54 22.02
C PRO D 26 3.91 -4.35 21.42
N VAL D 27 3.13 -3.33 21.06
CA VAL D 27 3.67 -2.17 20.35
C VAL D 27 4.68 -1.40 21.20
N LYS D 28 4.63 -1.54 22.53
CA LYS D 28 5.59 -0.86 23.39
C LYS D 28 7.00 -1.39 23.17
N ASP D 29 7.17 -2.71 23.31
CA ASP D 29 8.51 -3.29 23.19
C ASP D 29 9.03 -3.26 21.76
N ILE D 30 8.15 -3.07 20.78
CA ILE D 30 8.62 -2.86 19.41
C ILE D 30 9.29 -1.50 19.29
N TYR D 31 8.80 -0.51 20.05
CA TYR D 31 9.49 0.78 20.11
C TYR D 31 10.86 0.63 20.76
N ASN D 32 10.92 -0.02 21.91
CA ASN D 32 12.16 -0.10 22.68
C ASN D 32 13.23 -0.89 21.95
N TRP D 33 12.84 -1.94 21.21
CA TRP D 33 13.82 -2.69 20.44
C TRP D 33 14.39 -1.85 19.31
N ILE D 34 13.55 -0.99 18.71
CA ILE D 34 14.01 -0.16 17.60
C ILE D 34 14.97 0.91 18.09
N LEU D 35 14.67 1.51 19.24
CA LEU D 35 15.53 2.58 19.77
C LEU D 35 16.88 2.02 20.21
N GLU D 36 16.92 0.82 20.77
CA GLU D 36 18.17 0.24 21.25
C GLU D 36 19.11 -0.06 20.09
N HIS D 37 18.71 -0.98 19.21
CA HIS D 37 19.56 -1.39 18.10
C HIS D 37 19.72 -0.30 17.05
N PHE D 38 18.93 0.77 17.12
CA PHE D 38 19.05 1.89 16.19
C PHE D 38 18.80 3.18 16.96
N PRO D 39 19.85 3.75 17.58
CA PRO D 39 19.71 5.08 18.21
C PRO D 39 19.41 6.19 17.21
N TYR D 40 19.32 5.86 15.93
CA TYR D 40 19.01 6.84 14.90
C TYR D 40 17.66 7.50 15.15
N PHE D 41 16.70 6.76 15.69
CA PHE D 41 15.34 7.25 15.85
C PHE D 41 15.15 8.12 17.10
N ALA D 42 16.23 8.47 17.79
CA ALA D 42 16.13 9.44 18.87
C ALA D 42 16.16 10.87 18.32
N ASN D 43 16.85 11.08 17.21
CA ASN D 43 16.92 12.38 16.56
C ASN D 43 15.87 12.55 15.45
N ALA D 44 15.17 11.47 15.09
CA ALA D 44 14.17 11.54 14.04
C ALA D 44 12.93 12.29 14.53
N PRO D 45 12.10 12.76 13.62
CA PRO D 45 10.84 13.40 14.02
C PRO D 45 9.98 12.48 14.87
N THR D 46 9.04 13.10 15.60
CA THR D 46 8.24 12.37 16.57
C THR D 46 7.27 11.37 15.93
N GLY D 47 7.00 11.52 14.65
CA GLY D 47 6.04 10.65 13.97
C GLY D 47 6.53 9.27 13.62
N TRP D 48 7.73 8.88 14.05
CA TRP D 48 8.25 7.56 13.68
C TRP D 48 7.49 6.45 14.39
N LYS D 49 7.00 6.69 15.60
CA LYS D 49 6.19 5.69 16.28
C LYS D 49 4.85 5.49 15.58
N ASN D 50 4.34 6.53 14.92
CA ASN D 50 3.07 6.40 14.21
C ASN D 50 3.22 5.56 12.94
N SER D 51 4.38 5.65 12.27
CA SER D 51 4.54 4.93 11.02
C SER D 51 4.70 3.43 11.24
N VAL D 52 5.18 3.01 12.41
CA VAL D 52 5.31 1.58 12.67
C VAL D 52 3.99 0.98 13.10
N ARG D 53 3.08 1.78 13.67
CA ARG D 53 1.74 1.28 13.97
C ARG D 53 0.93 1.12 12.70
N HIS D 54 1.09 2.04 11.75
CA HIS D 54 0.42 1.92 10.47
C HIS D 54 0.89 0.67 9.73
N ASN D 55 2.19 0.38 9.80
CA ASN D 55 2.70 -0.85 9.20
C ASN D 55 2.22 -2.08 9.96
N LEU D 56 2.18 -1.99 11.29
CA LEU D 56 1.72 -3.13 12.09
C LEU D 56 0.27 -3.47 11.79
N SER D 57 -0.54 -2.48 11.43
CA SER D 57 -1.98 -2.67 11.29
C SER D 57 -2.39 -3.12 9.89
N LEU D 58 -1.80 -2.54 8.85
CA LEU D 58 -2.26 -2.77 7.48
C LEU D 58 -1.38 -3.72 6.68
N ASN D 59 -0.26 -4.16 7.23
CA ASN D 59 0.59 -5.10 6.50
C ASN D 59 0.06 -6.51 6.65
N LYS D 60 0.12 -7.27 5.56
CA LYS D 60 -0.36 -8.65 5.57
C LYS D 60 0.48 -9.56 6.44
N CYS D 61 1.68 -9.13 6.82
CA CYS D 61 2.64 -9.99 7.51
C CYS D 61 2.53 -9.95 9.03
N PHE D 62 1.68 -9.08 9.58
CA PHE D 62 1.58 -8.91 11.02
C PHE D 62 0.14 -9.07 11.46
N LYS D 63 -0.10 -9.91 12.46
CA LYS D 63 -1.42 -10.16 13.01
C LYS D 63 -1.34 -10.17 14.52
N LYS D 64 -2.50 -10.07 15.17
CA LYS D 64 -2.58 -10.16 16.61
C LYS D 64 -2.86 -11.60 17.03
N VAL D 65 -2.36 -11.96 18.20
CA VAL D 65 -2.56 -13.30 18.74
C VAL D 65 -3.96 -13.39 19.34
N ASP D 66 -4.50 -14.61 19.37
CA ASP D 66 -5.85 -14.86 19.85
C ASP D 66 -5.97 -14.55 21.34
N GLY D 76 -3.69 -2.89 24.90
CA GLY D 76 -2.32 -3.29 24.70
C GLY D 76 -2.17 -4.78 24.38
N SER D 77 -2.64 -5.17 23.20
CA SER D 77 -2.57 -6.56 22.77
C SER D 77 -1.18 -6.86 22.22
N LEU D 78 -0.98 -8.12 21.82
CA LEU D 78 0.31 -8.62 21.38
C LEU D 78 0.28 -8.89 19.88
N TRP D 79 1.38 -8.58 19.21
CA TRP D 79 1.54 -8.78 17.78
C TRP D 79 2.50 -9.92 17.49
N CYS D 80 2.30 -10.58 16.36
CA CYS D 80 3.14 -11.70 15.95
C CYS D 80 3.31 -11.67 14.44
N ILE D 81 4.05 -12.64 13.92
CA ILE D 81 4.29 -12.77 12.49
C ILE D 81 3.26 -13.74 11.91
N ASP D 82 2.74 -13.41 10.74
CA ASP D 82 1.76 -14.26 10.09
C ASP D 82 2.46 -15.44 9.41
N PRO D 83 2.01 -16.68 9.64
CA PRO D 83 2.72 -17.83 9.07
C PRO D 83 2.70 -17.88 7.55
N GLU D 84 1.64 -17.37 6.91
CA GLU D 84 1.59 -17.35 5.45
C GLU D 84 2.73 -16.52 4.87
N TYR D 85 2.74 -15.23 5.18
CA TYR D 85 3.68 -14.29 4.60
C TYR D 85 4.93 -14.11 5.43
N ARG D 86 5.29 -15.12 6.24
CA ARG D 86 6.53 -15.03 7.02
C ARG D 86 7.74 -15.04 6.09
N GLN D 87 7.84 -16.05 5.24
CA GLN D 87 8.97 -16.13 4.31
C GLN D 87 9.04 -14.94 3.36
N ASN D 88 7.93 -14.22 3.19
CA ASN D 88 7.98 -12.96 2.45
C ASN D 88 8.84 -11.93 3.16
N LEU D 89 8.92 -11.99 4.49
CA LEU D 89 9.71 -11.03 5.25
C LEU D 89 11.17 -11.44 5.33
N ILE D 90 11.45 -12.74 5.43
CA ILE D 90 12.84 -13.20 5.45
C ILE D 90 13.54 -12.81 4.14
N GLN D 91 12.83 -12.95 3.01
CA GLN D 91 13.40 -12.54 1.74
C GLN D 91 13.39 -11.02 1.57
N ALA D 92 12.40 -10.34 2.14
CA ALA D 92 12.40 -8.89 2.10
C ALA D 92 13.59 -8.30 2.83
N LEU D 93 14.14 -9.02 3.81
CA LEU D 93 15.34 -8.60 4.50
C LEU D 93 16.61 -9.03 3.80
N LYS D 94 16.53 -9.97 2.86
CA LYS D 94 17.66 -10.32 2.02
C LYS D 94 17.74 -9.46 0.76
N LYS D 95 16.65 -8.82 0.37
CA LYS D 95 16.62 -7.94 -0.80
C LYS D 95 16.73 -6.47 -0.45
N THR D 96 16.91 -6.13 0.83
CA THR D 96 16.98 -4.73 1.22
C THR D 96 18.26 -4.10 0.67
N PRO D 97 18.19 -2.83 0.22
CA PRO D 97 19.37 -2.13 -0.31
C PRO D 97 20.37 -1.74 0.78
MG MG E . -2.33 12.74 -11.81
MG MG F . -1.76 -6.23 10.09
#